data_7THD
#
_entry.id   7THD
#
_cell.length_a   38.408
_cell.length_b   67.032
_cell.length_c   69.324
_cell.angle_alpha   90.000
_cell.angle_beta   90.000
_cell.angle_gamma   90.000
#
_symmetry.space_group_name_H-M   'P 2 21 21'
#
loop_
_entity.id
_entity.type
_entity.pdbx_description
1 polymer 'Peptidyl-prolyl cis-trans isomerase F, mitochondrial'
2 non-polymer "[(4'-{[(4S,7S,11R,13E,19S)-19-{[2-(2-aminoethoxy)ethyl]carbamoyl}-7-benzyl-3,6,12,15,21-pentaoxo-1,3,4,5,6,7,8,9,10,12,15,16,17,18,19,20,21,22-octadecahydro-2H-7,11-methano-2,5,11,16,20-benzopentaazacyclotetracosin-4-yl]methyl}[1,1'-biphenyl]-4-yl)methyl]propanedioic acid"
3 water water
#
_entity_poly.entity_id   1
_entity_poly.type   'polypeptide(L)'
_entity_poly.pdbx_seq_one_letter_code
;NPLVYLDVDANGKPLGRVVLELKADVVPKTAENFRALCTGEKGFGYKGSTFHRVIPSFMCQAGDFTNHNGTGGKSIYGSR
FPDENFTLKHVGPGVLSMANAGPNTNGSQFFICTIKTDWLDGKHVVFGHVIEGMDVVKKIESFGSKSGRTSKKIVITDCG
QLS
;
_entity_poly.pdbx_strand_id   A
#
# COMPACT_ATOMS: atom_id res chain seq x y z
N ASN A 1 10.98 14.15 -3.59
CA ASN A 1 10.09 12.99 -3.62
C ASN A 1 8.71 13.39 -3.14
N PRO A 2 7.66 12.90 -3.79
CA PRO A 2 6.31 13.18 -3.31
C PRO A 2 6.05 12.63 -1.92
N LEU A 3 5.23 13.36 -1.17
CA LEU A 3 4.64 12.88 0.07
C LEU A 3 3.15 12.74 -0.14
N VAL A 4 2.59 11.59 0.25
CA VAL A 4 1.16 11.31 0.11
C VAL A 4 0.63 10.86 1.47
N TYR A 5 -0.69 10.85 1.62
CA TYR A 5 -1.32 10.45 2.88
C TYR A 5 -2.47 9.48 2.64
N LEU A 6 -2.69 8.63 3.65
CA LEU A 6 -3.85 7.77 3.78
C LEU A 6 -4.49 8.08 5.12
N ASP A 7 -5.76 8.47 5.15
CA ASP A 7 -6.53 8.59 6.38
C ASP A 7 -7.36 7.34 6.53
N VAL A 8 -7.23 6.65 7.67
CA VAL A 8 -7.78 5.29 7.81
C VAL A 8 -8.77 5.24 8.96
N ASP A 9 -9.90 4.56 8.75
CA ASP A 9 -10.87 4.29 9.79
C ASP A 9 -11.01 2.79 10.02
N ALA A 10 -11.51 2.43 11.19
CA ALA A 10 -11.88 1.04 11.50
C ALA A 10 -13.32 1.05 11.98
N ASN A 11 -14.20 0.36 11.25
CA ASN A 11 -15.64 0.38 11.53
C ASN A 11 -16.15 1.81 11.70
N GLY A 12 -15.65 2.72 10.88
CA GLY A 12 -16.13 4.08 10.89
C GLY A 12 -15.47 4.99 11.88
N LYS A 13 -14.54 4.49 12.71
CA LYS A 13 -13.87 5.29 13.72
C LYS A 13 -12.48 5.65 13.22
N PRO A 14 -12.09 6.92 13.24
CA PRO A 14 -10.77 7.28 12.72
C PRO A 14 -9.64 6.64 13.50
N LEU A 15 -8.66 6.13 12.77
CA LEU A 15 -7.41 5.67 13.36
C LEU A 15 -6.29 6.70 13.25
N GLY A 16 -6.39 7.62 12.30
CA GLY A 16 -5.37 8.62 12.05
C GLY A 16 -4.82 8.55 10.63
N ARG A 17 -3.75 9.32 10.42
CA ARG A 17 -3.13 9.56 9.13
C ARG A 17 -1.78 8.85 9.01
N VAL A 18 -1.58 8.16 7.90
CA VAL A 18 -0.29 7.60 7.51
C VAL A 18 0.30 8.51 6.43
N VAL A 19 1.51 9.01 6.64
CA VAL A 19 2.22 9.80 5.63
C VAL A 19 3.33 8.94 5.04
N LEU A 20 3.36 8.88 3.71
CA LEU A 20 4.29 8.03 2.96
C LEU A 20 5.18 8.91 2.08
N GLU A 21 6.49 8.70 2.10
CA GLU A 21 7.41 9.26 1.11
C GLU A 21 7.55 8.26 -0.02
N LEU A 22 7.37 8.72 -1.25
CA LEU A 22 7.51 7.86 -2.42
C LEU A 22 8.84 8.14 -3.08
N LYS A 23 9.64 7.08 -3.30
CA LYS A 23 11.01 7.22 -3.78
C LYS A 23 11.04 7.35 -5.30
N ALA A 24 10.51 8.48 -5.77
CA ALA A 24 10.53 8.78 -7.19
C ALA A 24 11.94 8.92 -7.73
N ASP A 25 12.90 9.22 -6.85
CA ASP A 25 14.32 9.29 -7.19
C ASP A 25 14.93 7.95 -7.55
N VAL A 26 14.28 6.84 -7.22
CA VAL A 26 14.79 5.50 -7.49
C VAL A 26 13.84 4.70 -8.39
N VAL A 27 12.53 4.81 -8.17
CA VAL A 27 11.50 4.07 -8.91
C VAL A 27 10.42 5.07 -9.35
N PRO A 28 10.75 5.96 -10.30
CA PRO A 28 9.79 7.01 -10.68
C PRO A 28 8.48 6.48 -11.24
N LYS A 29 8.50 5.41 -12.03
CA LYS A 29 7.25 4.94 -12.64
C LYS A 29 6.33 4.33 -11.59
N THR A 30 6.91 3.61 -10.65
CA THR A 30 6.12 2.97 -9.59
C THR A 30 5.61 4.02 -8.61
N ALA A 31 6.47 4.99 -8.26
CA ALA A 31 6.02 6.08 -7.39
C ALA A 31 4.87 6.85 -8.03
N GLU A 32 4.96 7.16 -9.34
CA GLU A 32 3.93 7.96 -9.98
C GLU A 32 2.59 7.26 -10.00
N ASN A 33 2.59 5.94 -10.27
CA ASN A 33 1.35 5.17 -10.22
C ASN A 33 0.67 5.35 -8.87
N PHE A 34 1.41 5.13 -7.78
CA PHE A 34 0.82 5.24 -6.45
C PHE A 34 0.35 6.67 -6.16
N ARG A 35 1.16 7.67 -6.53
CA ARG A 35 0.80 9.05 -6.28
C ARG A 35 -0.55 9.38 -6.94
N ALA A 36 -0.70 9.03 -8.21
CA ALA A 36 -1.92 9.37 -8.93
C ALA A 36 -3.12 8.60 -8.39
N LEU A 37 -2.92 7.37 -7.89
CA LEU A 37 -4.03 6.63 -7.30
C LEU A 37 -4.42 7.20 -5.94
N CYS A 38 -3.49 7.85 -5.24
CA CYS A 38 -3.84 8.57 -4.02
C CYS A 38 -4.63 9.84 -4.31
N THR A 39 -4.22 10.61 -5.31
CA THR A 39 -4.97 11.85 -5.58
C THR A 39 -6.32 11.58 -6.22
N GLY A 40 -6.48 10.45 -6.90
CA GLY A 40 -7.69 10.19 -7.65
C GLY A 40 -7.81 11.01 -8.93
N GLU A 41 -6.72 11.63 -9.39
CA GLU A 41 -6.79 12.55 -10.53
C GLU A 41 -7.23 11.89 -11.83
N LYS A 42 -7.13 10.58 -11.97
CA LYS A 42 -7.61 9.90 -13.17
C LYS A 42 -9.04 9.41 -13.03
N GLY A 43 -9.72 9.78 -11.95
CA GLY A 43 -11.11 9.43 -11.77
C GLY A 43 -11.35 8.17 -11.01
N PHE A 44 -10.29 7.49 -10.60
CA PHE A 44 -10.36 6.27 -9.81
C PHE A 44 -9.11 6.24 -8.93
N GLY A 45 -9.16 5.41 -7.89
CA GLY A 45 -8.02 5.32 -6.99
C GLY A 45 -8.44 4.76 -5.64
N TYR A 46 -7.57 5.00 -4.65
CA TYR A 46 -7.72 4.30 -3.38
C TYR A 46 -8.85 4.79 -2.48
N LYS A 47 -9.32 6.02 -2.64
CA LYS A 47 -10.28 6.56 -1.69
C LYS A 47 -11.53 5.68 -1.60
N GLY A 48 -11.90 5.31 -0.39
CA GLY A 48 -13.05 4.49 -0.12
C GLY A 48 -12.80 3.00 -0.12
N SER A 49 -11.63 2.54 -0.49
CA SER A 49 -11.30 1.12 -0.50
C SER A 49 -10.65 0.70 0.81
N THR A 50 -10.28 -0.58 0.91
CA THR A 50 -9.99 -1.18 2.21
C THR A 50 -8.59 -1.75 2.29
N PHE A 51 -8.14 -1.98 3.52
CA PHE A 51 -7.06 -2.92 3.79
C PHE A 51 -7.70 -4.30 3.87
N HIS A 52 -7.51 -5.14 2.86
CA HIS A 52 -8.27 -6.37 2.74
C HIS A 52 -7.52 -7.58 3.29
N ARG A 53 -6.21 -7.50 3.51
CA ARG A 53 -5.46 -8.66 4.02
CA ARG A 53 -5.46 -8.65 4.02
C ARG A 53 -4.43 -8.10 4.98
N VAL A 54 -4.54 -8.44 6.26
CA VAL A 54 -3.69 -7.88 7.31
C VAL A 54 -3.23 -9.04 8.18
N ILE A 55 -1.93 -9.27 8.23
CA ILE A 55 -1.35 -10.41 8.93
C ILE A 55 -0.35 -9.90 9.96
N PRO A 56 -0.61 -10.10 11.25
CA PRO A 56 0.33 -9.61 12.26
C PRO A 56 1.71 -10.20 12.07
N SER A 57 2.72 -9.38 12.38
CA SER A 57 4.12 -9.75 12.21
C SER A 57 4.42 -10.12 10.77
N PHE A 58 3.76 -9.42 9.84
CA PHE A 58 4.02 -9.56 8.40
C PHE A 58 3.80 -8.21 7.71
N MET A 59 2.55 -7.90 7.37
CA MET A 59 2.27 -6.70 6.58
C MET A 59 0.78 -6.42 6.57
N CYS A 60 0.44 -5.19 6.12
CA CYS A 60 -0.93 -4.74 5.89
C CYS A 60 -1.08 -4.43 4.40
N GLN A 61 -2.05 -5.08 3.74
CA GLN A 61 -2.21 -4.99 2.29
C GLN A 61 -3.52 -4.31 1.91
N ALA A 62 -3.45 -3.48 0.87
CA ALA A 62 -4.57 -2.67 0.41
C ALA A 62 -4.48 -2.48 -1.10
N GLY A 63 -5.37 -1.64 -1.63
CA GLY A 63 -5.30 -1.21 -3.01
C GLY A 63 -6.14 -1.96 -4.01
N ASP A 64 -6.94 -2.93 -3.56
CA ASP A 64 -7.84 -3.65 -4.47
C ASP A 64 -9.18 -2.93 -4.47
N PHE A 65 -9.24 -1.83 -5.21
CA PHE A 65 -10.46 -1.03 -5.27
C PHE A 65 -11.46 -1.53 -6.30
N THR A 66 -11.17 -2.61 -7.02
CA THR A 66 -12.15 -3.20 -7.93
C THR A 66 -12.88 -4.40 -7.33
N ASN A 67 -12.16 -5.31 -6.68
CA ASN A 67 -12.74 -6.54 -6.16
C ASN A 67 -12.68 -6.66 -4.66
N HIS A 68 -11.88 -5.83 -3.98
CA HIS A 68 -11.86 -5.72 -2.53
C HIS A 68 -11.46 -7.01 -1.84
N ASN A 69 -10.70 -7.87 -2.52
CA ASN A 69 -10.38 -9.18 -1.95
C ASN A 69 -9.00 -9.67 -2.31
N GLY A 70 -8.16 -8.87 -2.95
CA GLY A 70 -6.82 -9.30 -3.32
C GLY A 70 -6.68 -9.86 -4.71
N THR A 71 -7.74 -9.83 -5.53
CA THR A 71 -7.67 -10.30 -6.90
C THR A 71 -7.63 -9.18 -7.92
N GLY A 72 -7.91 -7.93 -7.54
CA GLY A 72 -8.12 -6.88 -8.51
C GLY A 72 -7.24 -5.65 -8.38
N GLY A 73 -7.74 -4.53 -8.88
CA GLY A 73 -7.01 -3.29 -8.96
C GLY A 73 -6.80 -2.83 -10.40
N LYS A 74 -6.13 -1.70 -10.52
CA LYS A 74 -5.93 -1.08 -11.83
C LYS A 74 -4.76 -0.10 -11.74
N SER A 75 -3.77 -0.24 -12.63
CA SER A 75 -2.70 0.73 -12.70
C SER A 75 -3.12 1.95 -13.52
N ILE A 76 -2.26 2.97 -13.54
CA ILE A 76 -2.49 4.17 -14.36
C ILE A 76 -1.97 3.99 -15.77
N TYR A 77 -1.37 2.84 -16.11
CA TYR A 77 -0.66 2.65 -17.36
C TYR A 77 -1.44 1.80 -18.36
N GLY A 78 -2.71 1.53 -18.10
CA GLY A 78 -3.56 0.76 -18.99
C GLY A 78 -3.53 -0.73 -18.77
N SER A 79 -2.50 -1.25 -18.12
CA SER A 79 -2.39 -2.68 -17.87
C SER A 79 -1.39 -2.87 -16.75
N ARG A 80 -1.26 -4.11 -16.30
CA ARG A 80 -0.22 -4.42 -15.34
C ARG A 80 1.13 -3.99 -15.88
N PHE A 81 2.03 -3.54 -15.01
CA PHE A 81 3.29 -2.96 -15.46
C PHE A 81 4.49 -3.72 -14.92
N PRO A 82 5.63 -3.64 -15.59
CA PRO A 82 6.77 -4.44 -15.18
C PRO A 82 7.37 -3.97 -13.86
N ASP A 83 8.07 -4.89 -13.22
CA ASP A 83 8.90 -4.58 -12.06
C ASP A 83 9.99 -3.59 -12.49
N GLU A 84 9.95 -2.38 -11.95
CA GLU A 84 10.82 -1.30 -12.43
C GLU A 84 12.28 -1.57 -12.09
N ASN A 85 12.55 -1.89 -10.84
CA ASN A 85 13.84 -2.40 -10.38
C ASN A 85 13.59 -2.97 -8.98
N PHE A 86 14.58 -3.71 -8.47
CA PHE A 86 14.54 -4.26 -7.12
C PHE A 86 15.61 -3.63 -6.23
N THR A 87 15.90 -2.35 -6.48
CA THR A 87 16.97 -1.67 -5.76
C THR A 87 16.69 -1.56 -4.28
N LEU A 88 15.50 -1.09 -3.91
CA LEU A 88 15.15 -0.87 -2.52
C LEU A 88 14.72 -2.18 -1.86
N LYS A 89 15.10 -2.38 -0.62
CA LYS A 89 14.88 -3.66 0.05
C LYS A 89 13.85 -3.53 1.17
N HIS A 90 13.30 -4.68 1.55
CA HIS A 90 12.28 -4.79 2.60
C HIS A 90 13.01 -4.86 3.94
N VAL A 91 13.52 -3.70 4.39
CA VAL A 91 14.47 -3.66 5.49
C VAL A 91 13.83 -3.72 6.87
N GLY A 92 12.54 -3.42 7.01
CA GLY A 92 11.93 -3.36 8.30
C GLY A 92 10.53 -2.78 8.25
N PRO A 93 9.94 -2.55 9.42
CA PRO A 93 8.61 -1.96 9.48
C PRO A 93 8.54 -0.62 8.78
N GLY A 94 7.42 -0.38 8.11
CA GLY A 94 7.17 0.88 7.45
C GLY A 94 7.52 0.92 5.98
N VAL A 95 8.18 -0.11 5.45
CA VAL A 95 8.49 -0.16 4.03
C VAL A 95 7.21 -0.33 3.24
N LEU A 96 7.09 0.45 2.16
CA LEU A 96 5.95 0.46 1.25
C LEU A 96 6.37 -0.23 -0.04
N SER A 97 5.61 -1.25 -0.45
CA SER A 97 6.02 -2.12 -1.56
C SER A 97 4.79 -2.56 -2.36
N MET A 98 5.03 -2.99 -3.59
CA MET A 98 3.95 -3.40 -4.48
C MET A 98 3.57 -4.85 -4.24
N ALA A 99 2.29 -5.11 -4.02
CA ALA A 99 1.77 -6.46 -4.11
C ALA A 99 1.80 -6.90 -5.56
N ASN A 100 1.81 -8.21 -5.81
CA ASN A 100 1.79 -8.70 -7.18
C ASN A 100 1.30 -10.15 -7.16
N ALA A 101 1.15 -10.71 -8.35
CA ALA A 101 0.76 -12.09 -8.58
C ALA A 101 1.80 -12.79 -9.44
N GLY A 102 3.08 -12.51 -9.18
CA GLY A 102 4.16 -13.00 -10.00
C GLY A 102 4.94 -11.89 -10.70
N PRO A 103 5.91 -12.26 -11.54
CA PRO A 103 6.78 -11.24 -12.14
C PRO A 103 6.02 -10.30 -13.06
N ASN A 104 6.35 -9.02 -12.98
CA ASN A 104 5.79 -8.03 -13.90
C ASN A 104 4.27 -7.97 -13.86
N THR A 105 3.69 -8.01 -12.66
CA THR A 105 2.24 -7.95 -12.48
C THR A 105 1.86 -6.85 -11.49
N ASN A 106 2.46 -5.67 -11.60
CA ASN A 106 2.09 -4.55 -10.76
C ASN A 106 0.80 -3.88 -11.24
N GLY A 107 -0.10 -3.60 -10.30
CA GLY A 107 -1.34 -2.91 -10.60
C GLY A 107 -1.54 -1.73 -9.68
N SER A 108 -2.47 -1.85 -8.74
CA SER A 108 -2.66 -0.87 -7.68
C SER A 108 -2.47 -1.45 -6.28
N GLN A 109 -2.53 -2.75 -6.09
CA GLN A 109 -2.39 -3.30 -4.75
C GLN A 109 -0.97 -3.08 -4.22
N PHE A 110 -0.89 -2.80 -2.91
CA PHE A 110 0.35 -2.44 -2.23
C PHE A 110 0.29 -2.99 -0.81
N PHE A 111 1.45 -2.95 -0.13
CA PHE A 111 1.50 -3.35 1.26
C PHE A 111 2.49 -2.49 2.01
N ILE A 112 2.26 -2.41 3.32
CA ILE A 112 3.16 -1.77 4.27
C ILE A 112 3.65 -2.84 5.23
N CYS A 113 4.97 -3.05 5.23
CA CYS A 113 5.57 -4.08 6.07
C CYS A 113 5.45 -3.70 7.54
N THR A 114 5.28 -4.70 8.39
CA THR A 114 5.35 -4.48 9.82
C THR A 114 6.52 -5.22 10.48
N ILE A 115 7.38 -5.84 9.67
CA ILE A 115 8.63 -6.48 10.06
C ILE A 115 9.55 -6.38 8.85
N LYS A 116 10.81 -6.79 9.00
CA LYS A 116 11.70 -7.02 7.88
C LYS A 116 11.22 -8.24 7.10
N THR A 117 10.76 -8.06 5.86
CA THR A 117 10.29 -9.16 5.02
C THR A 117 11.32 -9.43 3.91
N ASP A 118 12.53 -9.80 4.31
CA ASP A 118 13.65 -9.86 3.37
C ASP A 118 13.48 -10.95 2.31
N TRP A 119 12.70 -11.97 2.57
CA TRP A 119 12.43 -13.00 1.58
C TRP A 119 11.62 -12.47 0.40
N LEU A 120 11.10 -11.24 0.47
CA LEU A 120 10.44 -10.61 -0.66
C LEU A 120 11.38 -9.76 -1.50
N ASP A 121 12.63 -9.57 -1.08
CA ASP A 121 13.59 -8.80 -1.86
C ASP A 121 13.80 -9.49 -3.19
N GLY A 122 13.76 -8.71 -4.27
CA GLY A 122 13.89 -9.25 -5.61
C GLY A 122 12.62 -9.83 -6.18
N LYS A 123 11.52 -9.81 -5.42
CA LYS A 123 10.23 -10.32 -5.85
C LYS A 123 9.14 -9.26 -5.86
N HIS A 124 9.17 -8.31 -4.93
CA HIS A 124 8.23 -7.20 -4.87
C HIS A 124 9.02 -5.89 -4.94
N VAL A 125 8.50 -4.94 -5.70
CA VAL A 125 9.15 -3.63 -5.89
C VAL A 125 8.83 -2.70 -4.71
N VAL A 126 9.85 -2.41 -3.91
CA VAL A 126 9.76 -1.42 -2.86
C VAL A 126 9.82 -0.03 -3.49
N PHE A 127 8.97 0.88 -3.01
CA PHE A 127 8.92 2.21 -3.60
C PHE A 127 8.71 3.35 -2.62
N GLY A 128 8.77 3.11 -1.32
CA GLY A 128 8.60 4.20 -0.38
C GLY A 128 8.64 3.71 1.05
N HIS A 129 8.29 4.61 1.96
CA HIS A 129 8.23 4.24 3.37
C HIS A 129 7.37 5.22 4.15
N VAL A 130 6.88 4.73 5.30
CA VAL A 130 6.14 5.56 6.25
C VAL A 130 7.08 6.56 6.91
N ILE A 131 6.69 7.84 6.93
CA ILE A 131 7.42 8.85 7.67
C ILE A 131 6.64 9.41 8.84
N GLU A 132 5.36 9.14 8.95
CA GLU A 132 4.52 9.56 10.05
C GLU A 132 3.34 8.60 10.09
N GLY A 133 2.88 8.26 11.29
CA GLY A 133 1.74 7.40 11.43
C GLY A 133 2.03 5.92 11.44
N MET A 134 3.26 5.51 11.78
CA MET A 134 3.48 4.09 11.97
C MET A 134 2.59 3.53 13.06
N ASP A 135 2.22 4.34 14.07
CA ASP A 135 1.29 3.84 15.07
C ASP A 135 -0.08 3.51 14.48
N VAL A 136 -0.49 4.23 13.44
CA VAL A 136 -1.73 3.91 12.74
C VAL A 136 -1.60 2.56 12.07
N VAL A 137 -0.47 2.32 11.42
CA VAL A 137 -0.20 1.02 10.81
C VAL A 137 -0.24 -0.08 11.86
N LYS A 138 0.34 0.15 13.05
CA LYS A 138 0.28 -0.85 14.09
C LYS A 138 -1.15 -1.11 14.55
N LYS A 139 -2.00 -0.07 14.57
CA LYS A 139 -3.40 -0.28 14.90
C LYS A 139 -4.09 -1.13 13.84
N ILE A 140 -3.86 -0.83 12.56
CA ILE A 140 -4.40 -1.68 11.49
C ILE A 140 -3.99 -3.13 11.70
N GLU A 141 -2.68 -3.34 11.94
CA GLU A 141 -2.13 -4.68 12.13
C GLU A 141 -2.85 -5.41 13.25
N SER A 142 -3.20 -4.70 14.31
CA SER A 142 -3.85 -5.32 15.47
C SER A 142 -5.21 -5.88 15.14
N PHE A 143 -5.83 -5.46 14.03
CA PHE A 143 -7.10 -6.00 13.58
C PHE A 143 -6.95 -7.14 12.59
N GLY A 144 -5.73 -7.59 12.32
CA GLY A 144 -5.48 -8.70 11.41
C GLY A 144 -5.63 -10.06 12.06
N SER A 145 -5.22 -11.08 11.31
CA SER A 145 -5.38 -12.47 11.74
C SER A 145 -4.43 -13.34 10.94
N LYS A 146 -4.34 -14.61 11.33
CA LYS A 146 -3.49 -15.54 10.61
C LYS A 146 -3.89 -15.68 9.16
N SER A 147 -5.19 -15.70 8.87
CA SER A 147 -5.67 -15.81 7.51
C SER A 147 -5.54 -14.51 6.74
N GLY A 148 -5.40 -13.40 7.45
CA GLY A 148 -5.40 -12.08 6.86
C GLY A 148 -6.73 -11.40 6.91
N ARG A 149 -7.82 -12.11 7.23
CA ARG A 149 -9.10 -11.45 7.37
C ARG A 149 -9.06 -10.50 8.55
N THR A 150 -9.66 -9.33 8.38
CA THR A 150 -9.64 -8.33 9.44
C THR A 150 -10.86 -8.46 10.33
N SER A 151 -10.71 -8.04 11.60
CA SER A 151 -11.77 -8.12 12.60
C SER A 151 -12.63 -6.86 12.66
N LYS A 152 -12.25 -5.83 11.92
CA LYS A 152 -13.03 -4.62 11.69
C LYS A 152 -12.82 -4.26 10.22
N LYS A 153 -13.73 -3.48 9.65
CA LYS A 153 -13.56 -3.02 8.28
C LYS A 153 -12.64 -1.81 8.28
N ILE A 154 -11.48 -1.95 7.63
CA ILE A 154 -10.42 -0.94 7.65
C ILE A 154 -10.47 -0.21 6.31
N VAL A 155 -10.88 1.06 6.34
CA VAL A 155 -11.14 1.83 5.13
C VAL A 155 -10.20 3.02 5.02
N ILE A 156 -9.69 3.24 3.80
CA ILE A 156 -8.99 4.48 3.45
C ILE A 156 -10.07 5.51 3.17
N THR A 157 -10.44 6.28 4.17
CA THR A 157 -11.57 7.22 4.00
C THR A 157 -11.17 8.42 3.16
N ASP A 158 -9.91 8.80 3.19
CA ASP A 158 -9.41 9.87 2.33
C ASP A 158 -7.96 9.58 2.03
N CYS A 159 -7.46 10.14 0.95
CA CYS A 159 -6.07 9.98 0.56
C CYS A 159 -5.74 11.06 -0.46
N GLY A 160 -4.47 11.34 -0.66
CA GLY A 160 -4.09 12.43 -1.55
C GLY A 160 -2.62 12.74 -1.44
N GLN A 161 -2.22 13.84 -2.07
CA GLN A 161 -0.84 14.27 -2.09
C GLN A 161 -0.67 15.47 -1.17
N LEU A 162 0.38 15.44 -0.36
CA LEU A 162 0.75 16.55 0.52
C LEU A 162 1.71 17.49 -0.18
N SER A 163 2.76 16.98 -0.83
CA SER A 163 3.73 17.81 -1.52
C SER A 163 4.42 17.01 -2.61
#